data_1SNJ
#
_entry.id   1SNJ
#
_entity_poly.entity_id   1
_entity_poly.type   'polydeoxyribonucleotide'
_entity_poly.pdbx_seq_one_letter_code
;(DC)(DG)(DT)(DG)(DC)(DA)(DG)(DC)(DG)(DG)(DC)(DT)(DT)(DG)(DC)(DC)(DG)(DG)(DC)(DA)
(DC)(DT)(DT)(DG)(DT)(DG)(DC)(DT)(DT)(DC)(DT)(DG)(DC)(DA)(DC)(DG)
;
_entity_poly.pdbx_strand_id   A
#